data_4QKN
#
_entry.id   4QKN
#
_cell.length_a   141.260
_cell.length_b   141.260
_cell.length_c   83.580
_cell.angle_alpha   90.00
_cell.angle_beta   90.00
_cell.angle_gamma   120.00
#
_symmetry.space_group_name_H-M   'H 3'
#
loop_
_entity.id
_entity.type
_entity.pdbx_description
1 polymer 'Alpha-ketoglutarate-dependent dioxygenase FTO'
2 non-polymer N-OXALYLGLYCINE
3 non-polymer '2-[(2,6-dichloro-3-methyl-phenyl)amino]benzoic acid'
4 non-polymer 'MANGANESE (II) ION'
5 non-polymer GLYCEROL
6 water water
#
_entity_poly.entity_id   1
_entity_poly.type   'polypeptide(L)'
_entity_poly.pdbx_seq_one_letter_code
;GSHMTPKDDEFYQQWQLKYPKLILREASSVSEELHKEVQEAFLTLHKHGCLFRDLVRIQGKDLLTPVSRILIGNPGCTYK
YLNTRLFTVPWPVKGSNIKHTEAEIAAACETFLKLNDYLQIETIQALEELAAKEKANEDAVPLCMSADFPRVGMGSSYNG
QDEVDIKSRAAYNVTLLNFMDPQKMPYLKEEPYFGMGKMAVSWHHDENLVDRSAVAVYSYSCEGPEEESEDDSHLEGRDP
DIWHVGFKISWDIETPGLAIPLHQGDCYFMLDDLNATHQHCVLAGSQPRFSSTHRVAECSTGTLDYILQRCQLALQNVCD
DVDNDDVSLKSFEPAVLKQGEEIHNEVEFEWLRQFWFQGNRYRKCTDWWCQPMAQLEALWKKMEGVTNAVLHEVKREGLP
VEQRNEILTAILASLTARQNLRREWHARCQSRIARTLPADQKPECRPYWEKDDASMPLPFDLTDIVSELRGQLLEA
;
_entity_poly.pdbx_strand_id   A
#
# COMPACT_ATOMS: atom_id res chain seq x y z
N GLY A 1 19.32 -10.28 26.49
CA GLY A 1 18.99 -10.03 25.09
C GLY A 1 20.10 -9.29 24.36
N SER A 2 20.67 -9.93 23.33
CA SER A 2 21.84 -9.41 22.62
C SER A 2 21.77 -9.66 21.09
N HIS A 3 22.72 -9.10 20.34
CA HIS A 3 22.74 -9.34 18.89
C HIS A 3 24.09 -9.80 18.32
N MET A 4 24.08 -10.34 17.10
CA MET A 4 25.29 -10.84 16.43
C MET A 4 25.54 -10.17 15.08
N THR A 5 26.81 -9.84 14.81
CA THR A 5 27.21 -9.30 13.51
C THR A 5 28.36 -10.16 12.94
N PRO A 6 28.86 -9.84 11.74
CA PRO A 6 29.99 -10.68 11.30
C PRO A 6 31.23 -10.58 12.22
N LYS A 7 31.24 -9.63 13.14
CA LYS A 7 32.30 -9.58 14.15
C LYS A 7 32.28 -10.81 15.06
N ASP A 8 31.15 -11.53 15.08
CA ASP A 8 31.02 -12.66 16.00
C ASP A 8 31.22 -13.99 15.30
N ASP A 9 31.81 -14.94 16.02
CA ASP A 9 32.13 -16.25 15.45
C ASP A 9 30.86 -17.06 15.28
N GLU A 10 29.90 -16.81 16.16
CA GLU A 10 28.64 -17.53 16.15
C GLU A 10 27.70 -17.05 15.03
N PHE A 11 27.93 -15.83 14.57
CA PHE A 11 27.10 -15.22 13.54
C PHE A 11 26.82 -16.15 12.37
N TYR A 12 27.87 -16.71 11.78
CA TYR A 12 27.73 -17.45 10.52
C TYR A 12 26.95 -18.74 10.69
N GLN A 13 27.10 -19.38 11.85
CA GLN A 13 26.41 -20.63 12.10
C GLN A 13 24.97 -20.35 12.57
N GLN A 14 24.75 -19.17 13.13
CA GLN A 14 23.40 -18.80 13.50
C GLN A 14 22.63 -18.48 12.23
N TRP A 15 23.33 -17.87 11.26
CA TRP A 15 22.72 -17.50 10.00
C TRP A 15 22.30 -18.80 9.30
N GLN A 16 23.19 -19.78 9.30
CA GLN A 16 22.90 -21.04 8.65
C GLN A 16 21.77 -21.84 9.33
N LEU A 17 21.70 -21.79 10.67
CA LEU A 17 20.80 -22.68 11.39
C LEU A 17 19.47 -22.10 11.87
N LYS A 18 19.30 -20.78 11.82
CA LYS A 18 18.09 -20.16 12.36
C LYS A 18 17.52 -19.03 11.50
N TYR A 19 18.21 -18.76 10.39
CA TYR A 19 17.84 -17.76 9.40
C TYR A 19 18.34 -18.14 8.02
N PRO A 20 18.16 -19.40 7.57
CA PRO A 20 18.73 -19.75 6.26
C PRO A 20 17.91 -19.31 5.04
N LYS A 21 16.74 -18.70 5.24
CA LYS A 21 15.99 -18.22 4.07
C LYS A 21 16.34 -16.77 3.75
N LEU A 22 17.39 -16.27 4.39
CA LEU A 22 17.90 -14.94 4.13
C LEU A 22 19.19 -15.01 3.32
N ILE A 23 19.27 -14.26 2.25
CA ILE A 23 20.42 -14.34 1.38
C ILE A 23 21.08 -12.99 1.15
N LEU A 24 22.39 -12.94 1.28
CA LEU A 24 23.13 -11.74 0.93
C LEU A 24 23.79 -11.97 -0.42
N ARG A 25 23.67 -10.99 -1.31
CA ARG A 25 24.48 -10.94 -2.50
C ARG A 25 25.21 -9.61 -2.40
N GLU A 26 26.49 -9.65 -2.07
CA GLU A 26 27.22 -8.40 -1.86
C GLU A 26 27.34 -7.60 -3.14
N ALA A 27 27.76 -6.34 -3.01
CA ALA A 27 27.78 -5.41 -4.14
C ALA A 27 28.59 -5.92 -5.34
N SER A 28 29.60 -6.74 -5.06
CA SER A 28 30.47 -7.34 -6.09
C SER A 28 29.69 -8.13 -7.15
N SER A 29 28.62 -8.79 -6.74
CA SER A 29 27.88 -9.71 -7.61
C SER A 29 27.01 -8.98 -8.62
N VAL A 30 26.95 -7.66 -8.50
CA VAL A 30 26.08 -6.88 -9.37
C VAL A 30 26.94 -6.06 -10.34
N SER A 31 26.63 -6.17 -11.64
CA SER A 31 27.37 -5.45 -12.67
C SER A 31 27.51 -3.96 -12.33
N GLU A 32 28.67 -3.41 -12.66
CA GLU A 32 28.95 -2.00 -12.40
C GLU A 32 28.13 -1.12 -13.34
N GLU A 33 27.74 -1.69 -14.48
CA GLU A 33 26.82 -1.03 -15.39
C GLU A 33 25.56 -0.63 -14.61
N LEU A 34 25.01 -1.61 -13.90
CA LEU A 34 23.77 -1.45 -13.18
C LEU A 34 23.90 -0.49 -12.00
N HIS A 35 24.95 -0.64 -11.19
CA HIS A 35 25.15 0.19 -10.00
C HIS A 35 24.99 1.68 -10.25
N LYS A 36 25.65 2.16 -11.31
CA LYS A 36 25.58 3.58 -11.67
C LYS A 36 24.19 3.97 -12.17
N GLU A 37 23.62 3.15 -13.06
CA GLU A 37 22.29 3.41 -13.56
C GLU A 37 21.22 3.53 -12.46
N VAL A 38 21.22 2.61 -11.49
CA VAL A 38 20.23 2.72 -10.42
C VAL A 38 20.58 3.76 -9.38
N GLN A 39 21.86 4.06 -9.19
CA GLN A 39 22.24 5.08 -8.21
C GLN A 39 21.95 6.49 -8.77
N GLU A 40 21.96 6.62 -10.09
CA GLU A 40 21.60 7.89 -10.72
C GLU A 40 20.09 8.04 -10.65
N ALA A 41 19.38 6.95 -10.91
CA ALA A 41 17.94 6.92 -10.83
C ALA A 41 17.43 7.31 -9.44
N PHE A 42 18.06 6.76 -8.39
CA PHE A 42 17.76 7.20 -7.03
C PHE A 42 17.98 8.72 -6.90
N LEU A 43 19.09 9.21 -7.42
CA LEU A 43 19.45 10.63 -7.26
C LEU A 43 18.57 11.56 -8.09
N THR A 44 18.30 11.19 -9.34
CA THR A 44 17.42 12.00 -10.17
C THR A 44 16.05 12.07 -9.51
N LEU A 45 15.49 10.92 -9.17
CA LEU A 45 14.22 10.82 -8.43
C LEU A 45 14.17 11.72 -7.18
N HIS A 46 15.21 11.66 -6.37
CA HIS A 46 15.32 12.52 -5.18
C HIS A 46 15.35 14.00 -5.56
N LYS A 47 16.09 14.34 -6.61
CA LYS A 47 16.25 15.72 -7.05
C LYS A 47 14.90 16.33 -7.44
N HIS A 48 14.17 15.63 -8.32
CA HIS A 48 12.84 16.04 -8.74
C HIS A 48 11.80 15.98 -7.60
N GLY A 49 12.26 15.62 -6.40
CA GLY A 49 11.42 15.58 -5.21
C GLY A 49 10.24 14.62 -5.32
N CYS A 50 10.53 13.38 -5.72
CA CYS A 50 9.47 12.39 -5.87
C CYS A 50 9.22 11.54 -4.61
N LEU A 51 9.97 11.80 -3.54
CA LEU A 51 9.90 10.96 -2.34
C LEU A 51 9.26 11.62 -1.14
N PHE A 52 8.14 11.07 -0.70
CA PHE A 52 7.39 11.65 0.39
C PHE A 52 7.31 10.72 1.59
N ARG A 53 7.32 11.31 2.76
CA ARG A 53 6.97 10.59 3.97
C ARG A 53 5.46 10.33 3.93
N ASP A 54 5.05 9.12 4.32
CA ASP A 54 3.65 8.75 4.23
C ASP A 54 2.89 9.03 5.53
N LEU A 55 1.69 9.57 5.42
CA LEU A 55 0.85 9.79 6.60
C LEU A 55 0.05 8.51 6.80
N VAL A 56 0.41 7.80 7.85
CA VAL A 56 0.09 6.39 7.96
C VAL A 56 -0.72 6.29 9.23
N ARG A 57 -1.37 5.15 9.45
CA ARG A 57 -2.08 4.95 10.70
C ARG A 57 -1.58 3.70 11.33
N ILE A 58 -1.32 3.76 12.62
CA ILE A 58 -0.98 2.54 13.33
C ILE A 58 -1.53 2.60 14.76
N GLN A 59 -2.10 1.48 15.19
CA GLN A 59 -2.84 1.36 16.45
C GLN A 59 -3.56 2.65 16.83
N GLY A 60 -4.39 3.14 15.91
CA GLY A 60 -5.22 4.32 16.13
C GLY A 60 -4.54 5.68 15.99
N LYS A 61 -3.22 5.69 15.78
CA LYS A 61 -2.48 6.95 15.79
C LYS A 61 -2.01 7.37 14.39
N ASP A 62 -2.11 8.67 14.09
CA ASP A 62 -1.58 9.20 12.82
C ASP A 62 -0.08 9.53 12.96
N LEU A 63 0.76 8.89 12.16
CA LEU A 63 2.21 9.04 12.26
C LEU A 63 2.83 9.19 10.90
N LEU A 64 3.83 10.06 10.79
CA LEU A 64 4.56 10.22 9.55
C LEU A 64 5.69 9.21 9.55
N THR A 65 6.03 8.66 8.40
CA THR A 65 7.15 7.75 8.34
C THR A 65 8.47 8.53 8.39
N PRO A 66 9.41 8.09 9.22
CA PRO A 66 10.73 8.73 9.26
C PRO A 66 11.31 8.72 7.86
N VAL A 67 11.07 7.60 7.19
CA VAL A 67 11.61 7.34 5.88
C VAL A 67 10.71 8.00 4.83
N SER A 68 11.30 8.47 3.73
CA SER A 68 10.53 9.04 2.63
C SER A 68 10.54 8.00 1.54
N ARG A 69 9.44 7.92 0.77
CA ARG A 69 9.27 6.81 -0.15
C ARG A 69 8.54 7.17 -1.43
N ILE A 70 8.63 6.26 -2.40
CA ILE A 70 7.77 6.31 -3.57
C ILE A 70 7.51 4.89 -4.01
N LEU A 71 6.32 4.63 -4.53
CA LEU A 71 5.98 3.33 -5.09
C LEU A 71 6.03 3.36 -6.61
N ILE A 72 6.86 2.49 -7.18
CA ILE A 72 7.05 2.35 -8.62
C ILE A 72 6.74 0.92 -9.00
N GLY A 73 6.01 0.71 -10.11
CA GLY A 73 5.71 -0.65 -10.54
C GLY A 73 4.77 -0.74 -11.71
N ASN A 74 4.17 -1.91 -11.92
CA ASN A 74 3.16 -2.11 -12.95
C ASN A 74 2.08 -1.05 -12.95
N PRO A 75 1.68 -0.62 -14.16
CA PRO A 75 0.58 0.34 -14.38
C PRO A 75 -0.70 -0.16 -13.75
N GLY A 76 -1.37 0.70 -12.98
CA GLY A 76 -2.67 0.34 -12.43
C GLY A 76 -2.59 -0.48 -11.16
N CYS A 77 -1.38 -0.68 -10.65
CA CYS A 77 -1.21 -1.54 -9.49
C CYS A 77 -1.05 -0.70 -8.23
N THR A 78 -1.57 -1.19 -7.13
CA THR A 78 -1.41 -0.49 -5.85
C THR A 78 -0.81 -1.43 -4.82
N TYR A 79 -0.19 -0.85 -3.79
CA TYR A 79 0.37 -1.60 -2.68
C TYR A 79 -0.04 -0.95 -1.37
N LYS A 80 -0.69 -1.72 -0.50
CA LYS A 80 -1.30 -1.16 0.70
C LYS A 80 -0.69 -1.64 2.02
N TYR A 81 -0.06 -0.72 2.77
CA TYR A 81 0.40 -0.99 4.13
C TYR A 81 -0.08 0.08 5.11
N LEU A 82 -0.24 -0.30 6.39
CA LEU A 82 -0.66 0.61 7.46
C LEU A 82 -1.81 1.52 7.00
N ASN A 83 -2.85 0.87 6.48
CA ASN A 83 -4.05 1.56 6.01
CA ASN A 83 -4.07 1.50 5.95
C ASN A 83 -3.82 2.65 4.98
N THR A 84 -2.72 2.57 4.25
CA THR A 84 -2.42 3.58 3.23
C THR A 84 -2.13 2.91 1.87
N ARG A 85 -2.96 3.22 0.86
CA ARG A 85 -2.80 2.59 -0.42
C ARG A 85 -1.87 3.41 -1.31
N LEU A 86 -0.65 2.92 -1.51
CA LEU A 86 0.27 3.56 -2.45
C LEU A 86 -0.06 3.15 -3.89
N PHE A 87 0.01 4.11 -4.81
CA PHE A 87 -0.35 3.90 -6.19
C PHE A 87 0.94 3.94 -6.99
N THR A 88 1.16 3.00 -7.90
CA THR A 88 2.44 2.96 -8.64
C THR A 88 2.60 4.12 -9.60
N VAL A 89 3.69 4.90 -9.49
CA VAL A 89 4.14 5.60 -10.69
C VAL A 89 4.67 4.48 -11.57
N PRO A 90 4.16 4.37 -12.81
CA PRO A 90 4.36 3.13 -13.58
C PRO A 90 5.76 3.03 -14.18
N TRP A 91 6.14 1.82 -14.53
CA TRP A 91 7.37 1.58 -15.27
C TRP A 91 7.03 0.92 -16.60
N PRO A 92 7.87 1.17 -17.63
CA PRO A 92 7.69 0.69 -19.01
C PRO A 92 7.44 -0.80 -19.20
N VAL A 93 6.43 -1.34 -18.54
CA VAL A 93 5.96 -2.69 -18.87
C VAL A 93 5.35 -2.62 -20.27
N LYS A 94 5.63 -3.61 -21.10
CA LYS A 94 5.15 -3.63 -22.49
C LYS A 94 3.62 -3.52 -22.55
N GLY A 95 3.12 -2.49 -23.23
CA GLY A 95 1.70 -2.22 -23.30
C GLY A 95 1.32 -1.02 -22.44
N THR A 101 5.61 9.95 -19.28
CA THR A 101 5.17 11.16 -18.59
C THR A 101 6.18 12.30 -18.69
N GLU A 102 7.30 12.16 -17.99
CA GLU A 102 8.43 13.10 -18.12
C GLU A 102 9.66 12.29 -18.54
N ALA A 103 10.61 12.92 -19.22
CA ALA A 103 11.75 12.19 -19.78
C ALA A 103 12.75 11.75 -18.72
N GLU A 104 13.06 12.64 -17.79
CA GLU A 104 14.02 12.32 -16.73
C GLU A 104 13.42 11.29 -15.77
N ILE A 105 12.20 11.56 -15.31
CA ILE A 105 11.52 10.68 -14.35
C ILE A 105 11.27 9.29 -14.89
N ALA A 106 10.80 9.19 -16.13
CA ALA A 106 10.51 7.88 -16.72
C ALA A 106 11.79 7.08 -16.97
N ALA A 107 12.92 7.78 -16.96
CA ALA A 107 14.22 7.14 -17.10
C ALA A 107 14.56 6.33 -15.84
N ALA A 108 14.35 6.96 -14.69
CA ALA A 108 14.53 6.28 -13.41
C ALA A 108 13.59 5.08 -13.26
N CYS A 109 12.34 5.22 -13.69
CA CYS A 109 11.40 4.09 -13.60
C CYS A 109 11.80 2.95 -14.51
N GLU A 110 12.28 3.29 -15.70
CA GLU A 110 12.74 2.28 -16.65
C GLU A 110 13.89 1.53 -15.98
N THR A 111 14.74 2.30 -15.32
CA THR A 111 15.88 1.76 -14.59
C THR A 111 15.47 0.70 -13.53
N PHE A 112 14.54 1.07 -12.66
CA PHE A 112 14.13 0.16 -11.60
C PHE A 112 13.36 -1.06 -12.13
N LEU A 113 12.77 -0.92 -13.32
CA LEU A 113 12.18 -2.06 -14.01
C LEU A 113 13.25 -3.10 -14.37
N LYS A 114 14.42 -2.64 -14.80
CA LYS A 114 15.44 -3.62 -15.18
C LYS A 114 16.13 -4.18 -13.95
N LEU A 115 16.30 -3.33 -12.94
CA LEU A 115 16.67 -3.80 -11.61
C LEU A 115 15.74 -4.94 -11.23
N ASN A 116 14.44 -4.70 -11.35
CA ASN A 116 13.44 -5.74 -11.10
C ASN A 116 13.70 -7.03 -11.85
N ASP A 117 13.91 -6.93 -13.16
CA ASP A 117 14.25 -8.08 -14.01
C ASP A 117 15.42 -8.89 -13.46
N TYR A 118 16.49 -8.18 -13.09
CA TYR A 118 17.67 -8.81 -12.54
C TYR A 118 17.39 -9.47 -11.20
N LEU A 119 16.84 -8.71 -10.25
CA LEU A 119 16.56 -9.24 -8.91
C LEU A 119 15.67 -10.49 -9.00
N GLN A 120 14.70 -10.44 -9.91
CA GLN A 120 13.79 -11.55 -10.15
C GLN A 120 14.58 -12.81 -10.55
N ILE A 121 15.49 -12.61 -11.51
CA ILE A 121 16.40 -13.66 -11.97
C ILE A 121 17.22 -14.23 -10.81
N GLU A 122 17.91 -13.36 -10.08
CA GLU A 122 18.65 -13.79 -8.90
C GLU A 122 17.73 -14.54 -7.91
N THR A 123 16.48 -14.11 -7.80
CA THR A 123 15.55 -14.73 -6.83
C THR A 123 15.16 -16.14 -7.21
N ILE A 124 14.81 -16.32 -8.49
CA ILE A 124 14.39 -17.64 -8.98
C ILE A 124 15.55 -18.63 -8.77
N GLN A 125 16.77 -18.16 -8.98
CA GLN A 125 17.97 -18.98 -8.84
C GLN A 125 18.11 -19.47 -7.41
N ALA A 126 18.02 -18.53 -6.46
CA ALA A 126 18.21 -18.86 -5.04
C ALA A 126 17.09 -19.74 -4.52
N LEU A 127 15.90 -19.57 -5.08
CA LEU A 127 14.76 -20.36 -4.66
C LEU A 127 14.99 -21.77 -5.18
N GLU A 128 15.53 -21.85 -6.39
CA GLU A 128 15.87 -23.14 -6.98
C GLU A 128 16.94 -23.84 -6.12
N GLU A 129 18.03 -23.13 -5.84
CA GLU A 129 19.04 -23.66 -4.92
C GLU A 129 18.45 -24.07 -3.56
N LEU A 130 17.58 -23.23 -2.99
CA LEU A 130 17.02 -23.50 -1.66
C LEU A 130 16.18 -24.78 -1.64
N ALA A 131 15.43 -25.02 -2.71
CA ALA A 131 14.68 -26.27 -2.85
C ALA A 131 15.63 -27.48 -2.98
N ALA A 132 16.70 -27.31 -3.76
CA ALA A 132 17.70 -28.35 -3.99
C ALA A 132 18.41 -28.82 -2.70
N LYS A 133 18.55 -27.91 -1.74
CA LYS A 133 19.16 -28.23 -0.45
C LYS A 133 18.18 -28.98 0.45
N GLU A 134 16.94 -29.07 -0.01
CA GLU A 134 15.91 -29.78 0.74
C GLU A 134 15.70 -31.17 0.17
N LYS A 135 16.82 -31.79 -0.22
CA LYS A 135 16.85 -33.19 -0.64
C LYS A 135 17.91 -33.92 0.19
N ALA A 136 18.45 -33.23 1.18
CA ALA A 136 19.51 -33.75 2.03
C ALA A 136 19.57 -33.00 3.37
N GLN A 161 5.22 -27.18 -12.21
CA GLN A 161 4.79 -27.92 -11.03
C GLN A 161 5.14 -27.11 -9.78
N ASP A 162 6.33 -27.35 -9.24
CA ASP A 162 6.89 -26.54 -8.17
C ASP A 162 7.59 -25.32 -8.80
N GLU A 163 7.91 -25.42 -10.08
CA GLU A 163 8.59 -24.35 -10.80
C GLU A 163 7.66 -23.18 -11.16
N VAL A 164 6.35 -23.43 -11.17
CA VAL A 164 5.36 -22.35 -11.33
C VAL A 164 5.24 -21.58 -10.01
N ASP A 165 5.10 -22.32 -8.91
CA ASP A 165 5.15 -21.75 -7.56
C ASP A 165 6.35 -20.80 -7.42
N ILE A 166 7.53 -21.30 -7.80
CA ILE A 166 8.76 -20.53 -7.69
C ILE A 166 8.73 -19.24 -8.50
N LYS A 167 8.37 -19.37 -9.79
CA LYS A 167 8.37 -18.22 -10.69
C LYS A 167 7.36 -17.14 -10.26
N SER A 168 6.22 -17.55 -9.70
CA SER A 168 5.21 -16.59 -9.30
C SER A 168 5.65 -15.85 -8.03
N ARG A 169 6.32 -16.57 -7.12
CA ARG A 169 6.80 -15.99 -5.88
C ARG A 169 7.99 -15.07 -6.08
N ALA A 170 8.48 -14.98 -7.32
CA ALA A 170 9.53 -14.03 -7.65
C ALA A 170 9.06 -12.96 -8.65
N ALA A 171 7.78 -13.01 -9.03
CA ALA A 171 7.26 -12.13 -10.09
C ALA A 171 6.97 -10.73 -9.54
N TYR A 172 8.03 -10.05 -9.13
CA TYR A 172 7.91 -8.75 -8.49
C TYR A 172 7.13 -7.80 -9.37
N ASN A 173 6.05 -7.24 -8.84
CA ASN A 173 5.23 -6.32 -9.63
C ASN A 173 5.37 -4.86 -9.23
N VAL A 174 6.03 -4.61 -8.09
CA VAL A 174 6.26 -3.25 -7.61
C VAL A 174 7.58 -3.19 -6.84
N THR A 175 8.10 -1.98 -6.65
CA THR A 175 9.15 -1.76 -5.67
C THR A 175 8.80 -0.52 -4.87
N LEU A 176 9.02 -0.56 -3.56
CA LEU A 176 8.83 0.61 -2.72
C LEU A 176 10.23 1.12 -2.40
N LEU A 177 10.51 2.34 -2.83
CA LEU A 177 11.81 2.96 -2.65
C LEU A 177 11.81 3.73 -1.34
N ASN A 178 12.94 3.73 -0.64
CA ASN A 178 13.07 4.42 0.65
C ASN A 178 14.23 5.38 0.66
N PHE A 179 14.06 6.52 1.31
CA PHE A 179 15.17 7.42 1.57
C PHE A 179 15.12 7.99 2.98
N MET A 180 16.29 8.11 3.58
CA MET A 180 16.42 8.86 4.81
C MET A 180 17.78 9.50 4.90
N ASP A 181 17.82 10.71 5.45
CA ASP A 181 19.06 11.36 5.86
C ASP A 181 19.02 11.40 7.37
N PRO A 182 19.91 10.62 8.02
CA PRO A 182 19.90 10.48 9.48
C PRO A 182 20.15 11.80 10.21
N GLN A 183 20.76 12.76 9.51
CA GLN A 183 21.03 14.09 10.06
C GLN A 183 19.86 15.05 9.81
N LYS A 184 19.37 15.11 8.56
CA LYS A 184 18.21 15.93 8.19
C LYS A 184 16.92 15.35 8.78
N MET A 185 16.93 14.05 9.07
CA MET A 185 15.87 13.39 9.81
C MET A 185 16.48 12.72 11.04
N PRO A 186 16.83 13.51 12.08
CA PRO A 186 17.48 13.05 13.31
C PRO A 186 16.48 12.75 14.41
N TYR A 187 15.46 11.96 14.09
CA TYR A 187 14.41 11.64 15.05
C TYR A 187 14.10 10.14 15.01
N LEU A 188 15.00 9.37 15.63
CA LEU A 188 15.04 7.92 15.50
C LEU A 188 14.92 7.21 16.85
N LYS A 189 14.10 6.16 16.86
CA LYS A 189 13.92 5.35 18.06
C LYS A 189 15.12 4.43 18.25
N GLU A 190 15.35 4.02 19.49
CA GLU A 190 16.35 3.02 19.77
C GLU A 190 15.75 1.60 19.67
N GLU A 191 16.57 0.63 19.27
CA GLU A 191 16.12 -0.74 19.20
C GLU A 191 15.89 -1.34 20.59
N PRO A 192 14.68 -1.86 20.83
CA PRO A 192 14.23 -2.18 22.18
C PRO A 192 14.76 -3.47 22.76
N TYR A 193 15.21 -4.44 21.95
CA TYR A 193 15.42 -5.78 22.49
C TYR A 193 16.86 -6.34 22.48
N PHE A 194 17.64 -6.00 21.46
CA PHE A 194 18.98 -6.61 21.30
C PHE A 194 20.08 -5.54 21.30
N GLY A 195 19.70 -4.31 21.63
CA GLY A 195 20.61 -3.18 21.60
C GLY A 195 21.32 -3.06 20.26
N MET A 196 20.55 -2.75 19.21
CA MET A 196 21.09 -2.62 17.87
C MET A 196 21.20 -1.15 17.47
N GLY A 197 20.69 -0.28 18.32
CA GLY A 197 20.79 1.15 18.07
C GLY A 197 19.60 1.73 17.34
N LYS A 198 19.86 2.73 16.53
CA LYS A 198 18.83 3.57 15.96
C LYS A 198 18.15 2.92 14.76
N MET A 199 16.84 3.08 14.66
CA MET A 199 16.08 2.42 13.61
C MET A 199 15.50 3.43 12.62
N ALA A 200 15.92 3.34 11.37
CA ALA A 200 15.23 4.06 10.30
C ALA A 200 13.80 3.52 10.19
N VAL A 201 13.66 2.19 10.32
CA VAL A 201 12.37 1.51 10.28
C VAL A 201 12.28 0.51 11.44
N SER A 202 11.18 0.53 12.16
CA SER A 202 11.02 -0.33 13.33
C SER A 202 10.68 -1.78 12.92
N TRP A 203 10.90 -2.72 13.83
CA TRP A 203 10.50 -4.13 13.65
C TRP A 203 9.11 -4.31 13.03
N HIS A 204 9.02 -5.14 12.00
CA HIS A 204 7.76 -5.35 11.28
C HIS A 204 7.80 -6.57 10.37
N HIS A 205 6.62 -6.97 9.90
CA HIS A 205 6.49 -7.83 8.72
C HIS A 205 6.02 -6.94 7.61
N ASP A 206 6.49 -7.20 6.39
CA ASP A 206 5.91 -6.58 5.20
C ASP A 206 4.48 -7.10 4.99
N GLU A 207 3.52 -6.17 4.90
CA GLU A 207 2.10 -6.51 4.69
C GLU A 207 1.74 -6.72 3.21
N ASN A 208 0.54 -7.26 2.98
CA ASN A 208 -0.09 -7.28 1.66
C ASN A 208 0.81 -7.91 0.58
N LEU A 209 1.52 -8.98 0.96
CA LEU A 209 2.40 -9.69 0.04
C LEU A 209 1.77 -11.01 -0.33
N VAL A 210 2.03 -11.50 -1.53
CA VAL A 210 1.59 -12.84 -1.88
C VAL A 210 2.24 -13.85 -0.91
N ASP A 211 1.42 -14.79 -0.44
CA ASP A 211 1.85 -15.84 0.49
C ASP A 211 3.14 -16.48 0.08
N ARG A 212 4.13 -16.44 0.98
CA ARG A 212 5.38 -17.17 0.77
C ARG A 212 6.18 -16.57 -0.41
N SER A 213 5.78 -15.38 -0.84
CA SER A 213 6.54 -14.67 -1.85
C SER A 213 7.75 -13.95 -1.26
N ALA A 214 8.76 -13.83 -2.11
CA ALA A 214 10.07 -13.35 -1.73
C ALA A 214 10.13 -11.84 -1.79
N VAL A 215 11.14 -11.26 -1.13
CA VAL A 215 11.37 -9.83 -1.22
C VAL A 215 12.84 -9.56 -1.48
N ALA A 216 13.14 -8.63 -2.38
CA ALA A 216 14.53 -8.42 -2.74
C ALA A 216 14.89 -6.96 -2.59
N VAL A 217 15.97 -6.67 -1.88
CA VAL A 217 16.29 -5.28 -1.56
C VAL A 217 17.62 -4.84 -2.09
N TYR A 218 17.65 -3.73 -2.82
CA TYR A 218 18.91 -3.12 -3.23
C TYR A 218 19.21 -1.99 -2.25
N SER A 219 20.39 -2.02 -1.65
CA SER A 219 20.72 -1.02 -0.62
C SER A 219 21.86 -0.09 -1.07
N TYR A 220 21.57 1.21 -1.03
CA TYR A 220 22.50 2.23 -1.53
C TYR A 220 22.83 3.24 -0.44
N SER A 221 23.82 2.93 0.38
CA SER A 221 24.40 3.89 1.30
C SER A 221 25.20 4.90 0.51
N CYS A 222 25.30 6.11 1.05
CA CYS A 222 26.03 7.17 0.37
C CYS A 222 27.49 7.18 0.79
N GLU A 223 27.77 6.64 1.97
CA GLU A 223 29.14 6.50 2.46
C GLU A 223 29.21 5.48 3.59
N GLY A 237 29.87 -5.21 19.36
CA GLY A 237 28.63 -4.51 19.00
C GLY A 237 28.59 -3.99 17.56
N ARG A 238 27.39 -3.78 17.03
CA ARG A 238 27.24 -3.31 15.64
C ARG A 238 27.72 -1.86 15.42
N ASP A 239 28.34 -1.63 14.26
CA ASP A 239 28.87 -0.32 13.87
C ASP A 239 27.77 0.71 13.62
N PRO A 240 27.66 1.73 14.49
CA PRO A 240 26.60 2.74 14.43
C PRO A 240 26.57 3.57 13.14
N ASP A 241 27.71 3.74 12.48
CA ASP A 241 27.79 4.58 11.28
C ASP A 241 27.36 3.86 10.01
N ILE A 242 27.26 2.54 10.09
CA ILE A 242 26.93 1.73 8.93
C ILE A 242 25.47 1.27 8.99
N TRP A 243 24.81 1.27 7.83
CA TRP A 243 23.46 0.77 7.72
C TRP A 243 23.40 -0.74 7.79
N HIS A 244 22.42 -1.25 8.55
CA HIS A 244 22.19 -2.67 8.68
C HIS A 244 20.73 -3.00 8.45
N VAL A 245 20.46 -4.24 8.05
CA VAL A 245 19.12 -4.75 8.20
C VAL A 245 19.18 -5.73 9.39
N GLY A 246 18.20 -5.65 10.28
CA GLY A 246 18.14 -6.54 11.44
C GLY A 246 17.05 -7.58 11.29
N PHE A 247 17.24 -8.76 11.88
CA PHE A 247 16.25 -9.83 11.82
C PHE A 247 16.09 -10.46 13.17
N LYS A 248 14.85 -10.82 13.49
CA LYS A 248 14.56 -11.63 14.68
C LYS A 248 13.47 -12.61 14.32
N ILE A 249 13.33 -13.66 15.12
CA ILE A 249 12.21 -14.58 15.03
C ILE A 249 11.00 -13.92 15.68
N SER A 250 9.82 -14.02 15.06
CA SER A 250 8.62 -13.44 15.67
C SER A 250 8.44 -14.10 17.02
N TRP A 251 7.88 -13.35 17.98
CA TRP A 251 7.60 -13.81 19.34
C TRP A 251 8.84 -13.92 20.24
N ASP A 252 10.02 -13.85 19.63
CA ASP A 252 11.26 -14.25 20.30
C ASP A 252 12.24 -13.08 20.52
N ILE A 253 12.56 -12.80 21.79
CA ILE A 253 13.63 -11.85 22.08
C ILE A 253 14.78 -12.51 22.84
N GLU A 254 14.78 -13.85 22.86
CA GLU A 254 15.84 -14.61 23.49
C GLU A 254 16.84 -15.17 22.48
N THR A 255 16.36 -15.65 21.34
CA THR A 255 17.29 -15.98 20.26
C THR A 255 17.89 -14.65 19.79
N PRO A 256 19.22 -14.53 19.83
CA PRO A 256 19.88 -13.27 19.44
C PRO A 256 19.56 -12.88 17.99
N GLY A 257 19.33 -11.60 17.74
CA GLY A 257 18.96 -11.13 16.41
C GLY A 257 20.20 -10.95 15.55
N LEU A 258 20.03 -10.90 14.22
CA LEU A 258 21.18 -10.59 13.36
C LEU A 258 21.08 -9.16 12.93
N ALA A 259 22.23 -8.49 12.95
CA ALA A 259 22.34 -7.19 12.34
C ALA A 259 23.28 -7.41 11.17
N ILE A 260 22.76 -7.26 9.95
CA ILE A 260 23.64 -7.45 8.83
C ILE A 260 24.06 -6.12 8.16
N PRO A 261 25.37 -5.85 8.16
CA PRO A 261 25.94 -4.65 7.55
C PRO A 261 25.53 -4.51 6.09
N LEU A 262 25.12 -3.31 5.69
CA LEU A 262 24.79 -3.06 4.30
C LEU A 262 25.67 -1.94 3.77
N HIS A 263 26.41 -2.23 2.70
CA HIS A 263 27.31 -1.25 2.13
C HIS A 263 26.72 -0.78 0.82
N GLN A 264 27.40 0.14 0.16
CA GLN A 264 26.86 0.73 -1.06
C GLN A 264 26.71 -0.30 -2.18
N GLY A 265 25.48 -0.70 -2.45
CA GLY A 265 25.19 -1.61 -3.55
C GLY A 265 24.93 -3.05 -3.16
N ASP A 266 24.92 -3.35 -1.87
CA ASP A 266 24.64 -4.72 -1.40
C ASP A 266 23.15 -5.04 -1.55
N CYS A 267 22.84 -6.27 -1.98
CA CYS A 267 21.45 -6.74 -2.06
C CYS A 267 21.16 -7.84 -1.06
N TYR A 268 19.95 -7.85 -0.52
CA TYR A 268 19.53 -8.99 0.27
C TYR A 268 18.14 -9.47 -0.14
N PHE A 269 17.84 -10.72 0.23
CA PHE A 269 16.66 -11.40 -0.27
C PHE A 269 15.98 -12.11 0.90
N MET A 270 14.67 -11.93 1.02
CA MET A 270 13.92 -12.69 1.99
C MET A 270 13.16 -13.72 1.17
N LEU A 271 13.37 -14.99 1.50
CA LEU A 271 12.83 -16.07 0.68
C LEU A 271 11.71 -16.79 1.37
N ASP A 272 10.73 -17.20 0.56
CA ASP A 272 9.71 -18.12 1.03
C ASP A 272 9.03 -17.55 2.27
N ASP A 273 8.94 -18.33 3.33
CA ASP A 273 8.16 -17.92 4.49
C ASP A 273 8.96 -17.06 5.50
N LEU A 274 10.13 -16.57 5.07
CA LEU A 274 10.97 -15.78 5.97
C LEU A 274 10.25 -14.56 6.52
N ASN A 275 9.59 -13.80 5.63
CA ASN A 275 8.88 -12.61 6.03
C ASN A 275 7.74 -12.90 6.99
N ALA A 276 7.27 -14.13 7.05
CA ALA A 276 6.18 -14.46 7.96
C ALA A 276 6.69 -14.99 9.28
N THR A 277 7.78 -15.74 9.23
CA THR A 277 8.31 -16.35 10.45
C THR A 277 9.25 -15.40 11.21
N HIS A 278 9.73 -14.38 10.52
CA HIS A 278 10.66 -13.48 11.20
C HIS A 278 10.18 -12.04 11.09
N GLN A 279 10.78 -11.16 11.88
CA GLN A 279 10.55 -9.75 11.66
C GLN A 279 11.86 -9.13 11.24
N HIS A 280 11.78 -8.01 10.56
CA HIS A 280 12.98 -7.25 10.24
C HIS A 280 12.80 -5.77 10.59
N CYS A 281 13.93 -5.10 10.68
CA CYS A 281 13.96 -3.67 10.90
C CYS A 281 15.13 -3.16 10.09
N VAL A 282 15.22 -1.84 9.96
CA VAL A 282 16.38 -1.21 9.35
C VAL A 282 17.12 -0.41 10.41
N LEU A 283 18.40 -0.70 10.61
CA LEU A 283 19.21 0.06 11.54
C LEU A 283 19.91 1.19 10.77
N ALA A 284 19.71 2.44 11.19
CA ALA A 284 20.30 3.56 10.48
C ALA A 284 21.80 3.72 10.74
N GLY A 285 22.53 4.12 9.69
CA GLY A 285 23.90 4.55 9.82
C GLY A 285 23.94 6.05 10.08
N SER A 286 25.02 6.70 9.67
CA SER A 286 25.16 8.14 9.86
C SER A 286 25.01 8.89 8.54
N GLN A 287 25.33 8.22 7.44
CA GLN A 287 25.20 8.82 6.11
C GLN A 287 23.79 8.59 5.57
N PRO A 288 23.38 9.34 4.53
CA PRO A 288 22.07 9.04 3.97
C PRO A 288 22.09 7.66 3.32
N ARG A 289 20.91 7.15 2.94
CA ARG A 289 20.82 5.89 2.21
C ARG A 289 19.52 5.78 1.43
N PHE A 290 19.60 5.15 0.26
CA PHE A 290 18.42 4.74 -0.48
C PHE A 290 18.27 3.24 -0.41
N SER A 291 17.09 2.74 -0.76
CA SER A 291 16.85 1.32 -0.92
C SER A 291 15.66 1.12 -1.83
N SER A 292 15.70 0.02 -2.57
CA SER A 292 14.61 -0.34 -3.47
C SER A 292 14.11 -1.73 -3.06
N THR A 293 12.91 -1.81 -2.47
CA THR A 293 12.40 -3.09 -2.00
C THR A 293 11.34 -3.69 -2.92
N HIS A 294 11.72 -4.75 -3.62
CA HIS A 294 10.91 -5.33 -4.67
C HIS A 294 9.99 -6.40 -4.07
N ARG A 295 8.72 -6.35 -4.40
CA ARG A 295 7.73 -7.16 -3.72
C ARG A 295 6.79 -7.75 -4.72
N VAL A 296 6.13 -8.83 -4.31
CA VAL A 296 5.03 -9.37 -5.07
C VAL A 296 3.74 -9.01 -4.31
N ALA A 297 3.26 -7.79 -4.54
CA ALA A 297 2.07 -7.26 -3.90
C ALA A 297 0.92 -8.18 -4.15
N GLU A 298 0.22 -8.55 -3.10
CA GLU A 298 -1.02 -9.27 -3.29
C GLU A 298 -2.09 -8.26 -3.80
N CYS A 299 -2.23 -8.14 -5.12
CA CYS A 299 -3.12 -7.11 -5.69
C CYS A 299 -4.46 -7.62 -6.25
N SER A 300 -4.98 -8.72 -5.71
CA SER A 300 -6.21 -9.30 -6.22
C SER A 300 -7.44 -8.36 -6.09
N THR A 301 -7.42 -7.45 -5.12
CA THR A 301 -8.46 -6.41 -5.04
C THR A 301 -7.79 -5.05 -5.01
N GLY A 302 -6.69 -4.94 -5.76
CA GLY A 302 -5.89 -3.74 -5.75
C GLY A 302 -5.30 -3.30 -7.09
N THR A 303 -5.98 -3.60 -8.18
CA THR A 303 -5.59 -2.94 -9.45
C THR A 303 -6.72 -2.07 -9.98
N LEU A 304 -6.35 -1.11 -10.83
CA LEU A 304 -7.33 -0.29 -11.53
C LEU A 304 -8.39 -1.14 -12.24
N ASP A 305 -7.91 -2.12 -13.01
CA ASP A 305 -8.80 -3.05 -13.72
C ASP A 305 -9.73 -3.79 -12.79
N TYR A 306 -9.23 -4.21 -11.63
CA TYR A 306 -10.12 -4.91 -10.70
C TYR A 306 -11.24 -3.97 -10.31
N ILE A 307 -10.88 -2.75 -9.92
CA ILE A 307 -11.87 -1.83 -9.34
C ILE A 307 -12.84 -1.24 -10.40
N LEU A 308 -12.34 -1.01 -11.61
CA LEU A 308 -13.22 -0.65 -12.74
C LEU A 308 -14.23 -1.74 -12.98
N GLN A 309 -13.78 -3.00 -12.87
CA GLN A 309 -14.71 -4.11 -13.11
C GLN A 309 -15.76 -4.18 -12.00
N ARG A 310 -15.34 -3.88 -10.78
CA ARG A 310 -16.28 -3.85 -9.67
C ARG A 310 -17.37 -2.79 -9.90
N CYS A 311 -16.97 -1.57 -10.26
CA CYS A 311 -17.94 -0.50 -10.53
C CYS A 311 -18.90 -0.89 -11.63
N GLN A 312 -18.35 -1.46 -12.71
CA GLN A 312 -19.12 -1.89 -13.85
C GLN A 312 -20.11 -2.96 -13.43
N LEU A 313 -19.72 -3.80 -12.47
CA LEU A 313 -20.64 -4.79 -11.91
C LEU A 313 -21.78 -4.13 -11.10
N ALA A 314 -21.49 -3.02 -10.44
CA ALA A 314 -22.55 -2.33 -9.68
C ALA A 314 -23.55 -1.67 -10.64
N LEU A 315 -23.02 -1.04 -11.67
CA LEU A 315 -23.83 -0.31 -12.62
C LEU A 315 -24.70 -1.20 -13.52
N GLN A 316 -24.62 -2.51 -13.34
CA GLN A 316 -25.47 -3.43 -14.08
C GLN A 316 -26.90 -3.37 -13.55
N ASN A 317 -27.06 -2.87 -12.33
CA ASN A 317 -28.40 -2.68 -11.76
C ASN A 317 -29.02 -1.36 -12.23
N VAL A 318 -28.29 -0.63 -13.07
CA VAL A 318 -28.74 0.70 -13.50
C VAL A 318 -29.13 0.73 -14.97
N CYS A 319 -30.28 1.35 -15.27
CA CYS A 319 -30.69 1.58 -16.66
C CYS A 319 -29.69 2.56 -17.24
N ASP A 320 -29.01 2.14 -18.30
CA ASP A 320 -27.83 2.89 -18.75
C ASP A 320 -27.91 3.41 -20.17
N ASP A 321 -29.14 3.61 -20.67
CA ASP A 321 -29.33 4.28 -21.96
C ASP A 321 -28.59 5.62 -22.01
N VAL A 322 -28.74 6.43 -20.96
CA VAL A 322 -28.22 7.80 -20.94
C VAL A 322 -27.65 8.22 -19.58
N ASP A 323 -26.57 9.00 -19.60
CA ASP A 323 -25.96 9.53 -18.38
C ASP A 323 -26.62 10.82 -17.88
N ASN A 324 -27.57 10.68 -16.97
CA ASN A 324 -28.19 11.85 -16.35
C ASN A 324 -28.39 11.65 -14.85
N ASP A 325 -29.20 12.51 -14.24
CA ASP A 325 -29.39 12.46 -12.79
C ASP A 325 -30.55 11.56 -12.38
N ASP A 326 -31.36 11.16 -13.35
CA ASP A 326 -32.52 10.31 -13.08
C ASP A 326 -32.15 8.83 -13.08
N VAL A 327 -31.51 8.37 -12.01
CA VAL A 327 -31.09 6.99 -11.88
C VAL A 327 -32.24 6.02 -11.64
N SER A 328 -32.40 5.05 -12.54
CA SER A 328 -33.45 4.05 -12.37
C SER A 328 -32.84 2.66 -12.34
N LEU A 329 -33.27 1.88 -11.36
CA LEU A 329 -32.66 0.60 -11.06
C LEU A 329 -33.48 -0.53 -11.64
N LYS A 330 -32.78 -1.57 -12.09
CA LYS A 330 -33.45 -2.72 -12.69
C LYS A 330 -34.02 -3.66 -11.63
N SER A 331 -33.38 -3.72 -10.47
CA SER A 331 -33.79 -4.65 -9.42
C SER A 331 -33.62 -4.07 -8.04
N PHE A 332 -34.52 -4.48 -7.15
CA PHE A 332 -34.37 -4.20 -5.73
C PHE A 332 -34.28 -5.48 -4.90
N GLU A 333 -33.88 -6.59 -5.53
CA GLU A 333 -33.55 -7.79 -4.78
C GLU A 333 -32.41 -7.46 -3.82
N PRO A 334 -32.58 -7.79 -2.52
CA PRO A 334 -31.62 -7.53 -1.43
C PRO A 334 -30.16 -7.82 -1.79
N ALA A 335 -29.86 -9.00 -2.29
CA ALA A 335 -28.48 -9.34 -2.59
C ALA A 335 -27.83 -8.36 -3.58
N VAL A 336 -28.62 -7.84 -4.52
CA VAL A 336 -28.08 -6.91 -5.52
C VAL A 336 -27.85 -5.50 -4.95
N LEU A 337 -28.78 -5.02 -4.13
CA LEU A 337 -28.68 -3.70 -3.51
C LEU A 337 -27.49 -3.65 -2.59
N LYS A 338 -27.29 -4.75 -1.88
CA LYS A 338 -26.23 -4.88 -0.92
C LYS A 338 -24.90 -4.81 -1.65
N GLN A 339 -24.73 -5.68 -2.65
CA GLN A 339 -23.59 -5.63 -3.56
C GLN A 339 -23.31 -4.21 -4.07
N GLY A 340 -24.35 -3.52 -4.57
CA GLY A 340 -24.17 -2.17 -5.07
C GLY A 340 -23.60 -1.23 -4.01
N GLU A 341 -24.20 -1.29 -2.81
CA GLU A 341 -23.72 -0.45 -1.72
C GLU A 341 -22.30 -0.85 -1.24
N GLU A 342 -22.00 -2.14 -1.22
CA GLU A 342 -20.65 -2.57 -0.89
C GLU A 342 -19.59 -2.09 -1.89
N ILE A 343 -19.91 -2.17 -3.19
CA ILE A 343 -18.98 -1.68 -4.21
C ILE A 343 -18.84 -0.16 -4.11
N HIS A 344 -19.96 0.50 -3.85
CA HIS A 344 -20.00 1.94 -3.60
C HIS A 344 -18.97 2.28 -2.51
N ASN A 345 -19.06 1.61 -1.38
CA ASN A 345 -18.09 1.86 -0.31
C ASN A 345 -16.68 1.56 -0.75
N GLU A 346 -16.52 0.48 -1.52
CA GLU A 346 -15.18 0.04 -1.88
C GLU A 346 -14.52 1.12 -2.74
N VAL A 347 -15.21 1.59 -3.78
CA VAL A 347 -14.61 2.62 -4.64
C VAL A 347 -14.36 3.92 -3.85
N GLU A 348 -15.28 4.28 -2.96
CA GLU A 348 -15.11 5.51 -2.20
C GLU A 348 -13.89 5.52 -1.28
N PHE A 349 -13.70 4.47 -0.49
CA PHE A 349 -12.72 4.52 0.60
C PHE A 349 -11.38 3.88 0.29
N GLU A 350 -11.37 2.76 -0.43
CA GLU A 350 -10.12 2.08 -0.76
C GLU A 350 -9.44 2.77 -1.93
N TRP A 351 -10.19 3.58 -2.67
CA TRP A 351 -9.65 4.25 -3.87
C TRP A 351 -9.66 5.82 -3.84
N LEU A 352 -10.83 6.45 -3.92
CA LEU A 352 -10.88 7.90 -4.01
C LEU A 352 -10.22 8.59 -2.83
N ARG A 353 -10.71 8.29 -1.62
CA ARG A 353 -10.15 8.91 -0.42
C ARG A 353 -8.70 8.55 -0.15
N GLN A 354 -8.31 7.30 -0.38
CA GLN A 354 -6.92 6.91 -0.23
C GLN A 354 -6.07 7.79 -1.13
N PHE A 355 -6.48 7.87 -2.40
CA PHE A 355 -5.75 8.67 -3.39
C PHE A 355 -5.64 10.14 -2.99
N TRP A 356 -6.78 10.77 -2.82
CA TRP A 356 -6.82 12.18 -2.46
C TRP A 356 -6.24 12.51 -1.08
N PHE A 357 -6.10 11.50 -0.21
CA PHE A 357 -5.47 11.73 1.09
C PHE A 357 -4.00 12.09 0.96
N GLN A 358 -3.40 11.75 -0.16
CA GLN A 358 -1.98 12.00 -0.35
C GLN A 358 -1.76 13.29 -1.17
N GLY A 359 -2.84 14.02 -1.41
CA GLY A 359 -2.80 15.34 -2.03
C GLY A 359 -2.35 15.41 -3.50
N ASN A 360 -2.56 14.31 -4.24
CA ASN A 360 -2.12 14.20 -5.63
C ASN A 360 -0.61 14.49 -5.72
N ARG A 361 0.14 14.00 -4.75
CA ARG A 361 1.58 14.25 -4.67
C ARG A 361 2.34 13.63 -5.87
N TYR A 362 1.74 12.60 -6.45
CA TYR A 362 2.29 11.85 -7.58
C TYR A 362 2.12 12.58 -8.93
N ARG A 363 1.30 13.64 -8.92
CA ARG A 363 1.11 14.51 -10.09
C ARG A 363 2.46 15.16 -10.45
N LYS A 364 3.35 15.22 -9.47
CA LYS A 364 4.73 15.69 -9.64
C LYS A 364 5.56 14.69 -10.45
N CYS A 365 5.15 13.43 -10.44
CA CYS A 365 5.92 12.37 -11.07
C CYS A 365 5.25 11.87 -12.33
N THR A 366 3.95 11.63 -12.25
CA THR A 366 3.19 11.19 -13.41
C THR A 366 1.78 11.77 -13.37
N ASP A 367 1.13 11.79 -14.52
CA ASP A 367 -0.28 12.17 -14.58
C ASP A 367 -1.15 10.91 -14.70
N TRP A 368 -0.51 9.75 -14.51
CA TRP A 368 -1.10 8.45 -14.86
C TRP A 368 -2.47 8.17 -14.23
N TRP A 369 -2.60 8.50 -12.94
CA TRP A 369 -3.81 8.20 -12.16
C TRP A 369 -4.91 9.26 -12.34
N CYS A 370 -4.51 10.45 -12.82
CA CYS A 370 -5.41 11.61 -12.96
C CYS A 370 -6.71 11.27 -13.70
N GLN A 371 -6.59 10.68 -14.88
CA GLN A 371 -7.78 10.29 -15.60
C GLN A 371 -8.51 9.15 -14.88
N PRO A 372 -7.82 8.02 -14.59
CA PRO A 372 -8.55 6.93 -13.94
C PRO A 372 -9.28 7.39 -12.67
N MET A 373 -8.69 8.32 -11.93
CA MET A 373 -9.31 8.78 -10.69
C MET A 373 -10.50 9.66 -10.95
N ALA A 374 -10.51 10.30 -12.13
CA ALA A 374 -11.64 11.13 -12.51
C ALA A 374 -12.77 10.17 -12.84
N GLN A 375 -12.41 9.09 -13.52
CA GLN A 375 -13.45 8.16 -13.95
C GLN A 375 -14.08 7.42 -12.78
N LEU A 376 -13.26 7.13 -11.77
CA LEU A 376 -13.75 6.44 -10.58
C LEU A 376 -14.63 7.41 -9.79
N GLU A 377 -14.29 8.69 -9.80
CA GLU A 377 -15.15 9.68 -9.16
C GLU A 377 -16.50 9.72 -9.87
N ALA A 378 -16.45 9.82 -11.20
CA ALA A 378 -17.67 9.77 -12.03
C ALA A 378 -18.50 8.49 -11.81
N LEU A 379 -17.85 7.33 -11.76
CA LEU A 379 -18.56 6.10 -11.40
C LEU A 379 -19.13 6.21 -9.99
N TRP A 380 -18.33 6.69 -9.04
CA TRP A 380 -18.79 6.87 -7.66
C TRP A 380 -20.02 7.76 -7.58
N LYS A 381 -20.00 8.89 -8.29
CA LYS A 381 -21.15 9.81 -8.22
C LYS A 381 -22.44 9.14 -8.69
N LYS A 382 -22.34 8.32 -9.74
CA LYS A 382 -23.53 7.61 -10.21
C LYS A 382 -24.04 6.71 -9.12
N MET A 383 -23.14 6.18 -8.28
CA MET A 383 -23.59 5.26 -7.23
C MET A 383 -24.31 6.00 -6.10
N GLU A 384 -23.91 7.26 -5.87
CA GLU A 384 -24.65 8.14 -4.97
C GLU A 384 -26.08 8.20 -5.52
N GLY A 385 -26.19 8.42 -6.83
CA GLY A 385 -27.48 8.31 -7.50
C GLY A 385 -28.21 7.01 -7.20
N VAL A 386 -27.49 5.87 -7.31
CA VAL A 386 -28.10 4.58 -6.99
C VAL A 386 -28.64 4.56 -5.56
N THR A 387 -27.79 4.95 -4.62
CA THR A 387 -28.15 4.94 -3.21
C THR A 387 -29.43 5.73 -3.00
N ASN A 388 -29.39 7.00 -3.40
CA ASN A 388 -30.54 7.90 -3.39
C ASN A 388 -31.80 7.26 -3.94
N ALA A 389 -31.68 6.52 -5.05
CA ALA A 389 -32.82 5.84 -5.64
C ALA A 389 -33.32 4.70 -4.78
N VAL A 390 -32.39 3.98 -4.14
CA VAL A 390 -32.79 2.92 -3.23
C VAL A 390 -33.55 3.57 -2.08
N LEU A 391 -33.03 4.69 -1.61
CA LEU A 391 -33.64 5.40 -0.47
C LEU A 391 -35.06 5.81 -0.86
N HIS A 392 -35.21 6.26 -2.10
CA HIS A 392 -36.51 6.67 -2.60
CA HIS A 392 -36.50 6.65 -2.68
C HIS A 392 -37.49 5.51 -2.67
N GLU A 393 -37.03 4.34 -3.11
CA GLU A 393 -37.90 3.18 -3.18
C GLU A 393 -38.35 2.71 -1.78
N VAL A 394 -37.52 2.97 -0.76
CA VAL A 394 -37.83 2.61 0.62
C VAL A 394 -38.95 3.51 1.20
N LYS A 395 -39.08 4.72 0.66
CA LYS A 395 -40.13 5.67 1.02
C LYS A 395 -41.39 5.53 0.15
N ARG A 396 -41.47 4.50 -0.70
CA ARG A 396 -42.58 4.39 -1.65
C ARG A 396 -43.82 3.75 -1.05
N GLU A 397 -44.96 4.44 -1.19
CA GLU A 397 -46.25 3.88 -0.79
C GLU A 397 -46.76 2.89 -1.83
N GLY A 398 -47.26 1.75 -1.35
CA GLY A 398 -47.62 0.66 -2.23
C GLY A 398 -46.49 -0.34 -2.26
N LEU A 399 -45.55 -0.20 -1.32
CA LEU A 399 -44.44 -1.13 -1.17
C LEU A 399 -44.59 -1.79 0.19
N PRO A 400 -44.90 -3.10 0.18
CA PRO A 400 -45.16 -3.93 1.37
C PRO A 400 -44.02 -3.85 2.36
N VAL A 401 -44.33 -3.67 3.64
CA VAL A 401 -43.30 -3.54 4.67
C VAL A 401 -42.29 -4.70 4.63
N GLU A 402 -42.79 -5.91 4.43
CA GLU A 402 -41.93 -7.09 4.26
C GLU A 402 -40.78 -6.89 3.29
N GLN A 403 -41.12 -6.46 2.07
CA GLN A 403 -40.10 -6.16 1.06
C GLN A 403 -39.24 -4.96 1.46
N ARG A 404 -39.85 -4.01 2.16
CA ARG A 404 -39.13 -2.81 2.60
C ARG A 404 -38.05 -3.18 3.61
N ASN A 405 -38.43 -3.99 4.59
CA ASN A 405 -37.51 -4.40 5.63
C ASN A 405 -36.42 -5.33 5.11
N GLU A 406 -36.68 -6.00 4.00
CA GLU A 406 -35.67 -6.88 3.42
C GLU A 406 -34.59 -6.00 2.78
N ILE A 407 -35.04 -4.92 2.14
CA ILE A 407 -34.15 -3.90 1.58
C ILE A 407 -33.29 -3.23 2.64
N LEU A 408 -33.92 -2.71 3.71
CA LEU A 408 -33.19 -2.14 4.85
C LEU A 408 -32.10 -3.08 5.41
N THR A 409 -32.47 -4.31 5.76
CA THR A 409 -31.54 -5.30 6.29
C THR A 409 -30.35 -5.59 5.35
N ALA A 410 -30.58 -5.46 4.04
CA ALA A 410 -29.54 -5.72 3.05
C ALA A 410 -28.52 -4.58 2.97
N ILE A 411 -29.00 -3.33 3.07
CA ILE A 411 -28.17 -2.15 2.82
C ILE A 411 -27.68 -1.44 4.08
N LEU A 412 -28.20 -1.84 5.24
CA LEU A 412 -27.95 -1.10 6.49
C LEU A 412 -26.50 -1.10 6.93
N ALA A 413 -25.89 -2.29 6.98
CA ALA A 413 -24.49 -2.41 7.35
C ALA A 413 -23.57 -1.53 6.48
N SER A 414 -23.85 -1.45 5.18
CA SER A 414 -23.03 -0.65 4.26
C SER A 414 -23.17 0.84 4.48
N LEU A 415 -24.38 1.30 4.75
CA LEU A 415 -24.62 2.72 4.99
C LEU A 415 -24.00 3.14 6.34
N THR A 416 -24.04 2.22 7.30
CA THR A 416 -23.42 2.40 8.63
C THR A 416 -21.91 2.54 8.50
N ALA A 417 -21.31 1.54 7.84
CA ALA A 417 -19.87 1.54 7.59
C ALA A 417 -19.49 2.79 6.83
N ARG A 418 -20.41 3.27 6.00
CA ARG A 418 -20.12 4.43 5.16
C ARG A 418 -20.08 5.72 5.97
N GLN A 419 -20.95 5.85 6.98
CA GLN A 419 -20.97 7.02 7.87
C GLN A 419 -19.71 7.09 8.73
N ASN A 420 -19.38 5.98 9.36
CA ASN A 420 -18.22 5.89 10.24
C ASN A 420 -16.88 6.13 9.55
N LEU A 421 -16.73 5.59 8.35
CA LEU A 421 -15.48 5.75 7.61
C LEU A 421 -15.40 7.16 7.05
N ARG A 422 -16.55 7.74 6.70
CA ARG A 422 -16.58 9.12 6.26
C ARG A 422 -16.11 10.05 7.40
N ARG A 423 -16.47 9.70 8.64
CA ARG A 423 -16.00 10.45 9.79
C ARG A 423 -14.51 10.26 9.96
N GLU A 424 -14.10 9.00 10.09
CA GLU A 424 -12.69 8.65 10.19
C GLU A 424 -11.81 9.36 9.16
N TRP A 425 -12.19 9.33 7.89
CA TRP A 425 -11.38 9.98 6.88
C TRP A 425 -11.42 11.50 7.00
N HIS A 426 -12.55 12.04 7.44
CA HIS A 426 -12.65 13.48 7.61
C HIS A 426 -11.67 13.90 8.70
N ALA A 427 -11.78 13.22 9.84
CA ALA A 427 -10.89 13.46 10.98
C ALA A 427 -9.44 13.30 10.59
N ARG A 428 -9.10 12.12 10.06
CA ARG A 428 -7.72 11.82 9.66
C ARG A 428 -7.16 12.87 8.69
N CYS A 429 -8.06 13.55 7.99
CA CYS A 429 -7.67 14.58 7.03
C CYS A 429 -7.34 15.91 7.69
N GLN A 430 -7.81 16.10 8.91
CA GLN A 430 -7.68 17.41 9.56
C GLN A 430 -6.90 17.39 10.87
N SER A 431 -6.24 16.28 11.16
CA SER A 431 -5.31 16.21 12.30
C SER A 431 -4.25 17.29 12.12
N ARG A 432 -3.81 17.88 13.23
CA ARG A 432 -2.82 18.96 13.19
C ARG A 432 -1.52 18.49 12.56
N ILE A 433 -1.28 17.18 12.61
CA ILE A 433 -0.10 16.57 12.01
C ILE A 433 -0.22 16.64 10.49
N ALA A 434 -1.45 16.71 10.01
CA ALA A 434 -1.70 16.78 8.57
C ALA A 434 -1.64 18.22 8.05
N ARG A 435 -2.00 19.18 8.91
CA ARG A 435 -1.90 20.61 8.57
C ARG A 435 -0.44 21.07 8.43
N THR A 436 0.42 20.55 9.31
CA THR A 436 1.84 20.87 9.30
C THR A 436 2.48 20.59 7.93
N LEU A 437 1.93 19.62 7.21
CA LEU A 437 2.44 19.24 5.88
C LEU A 437 2.41 20.38 4.87
N PRO A 438 3.31 20.34 3.86
CA PRO A 438 3.38 21.33 2.78
C PRO A 438 2.11 21.47 1.94
N ALA A 439 2.15 22.35 0.95
CA ALA A 439 0.97 22.69 0.15
C ALA A 439 0.73 21.72 -1.01
N ASP A 440 1.74 20.90 -1.30
CA ASP A 440 1.67 19.94 -2.40
C ASP A 440 1.45 18.51 -1.89
N GLN A 441 1.35 18.36 -0.57
CA GLN A 441 1.08 17.06 0.04
C GLN A 441 -0.11 17.16 0.97
N LYS A 442 -0.77 18.32 0.98
CA LYS A 442 -1.92 18.56 1.85
C LYS A 442 -3.03 17.54 1.65
N PRO A 443 -3.35 16.78 2.72
CA PRO A 443 -4.39 15.74 2.72
C PRO A 443 -5.74 16.32 2.34
N GLU A 444 -6.07 16.28 1.06
CA GLU A 444 -7.38 16.71 0.56
C GLU A 444 -8.48 15.69 0.91
N CYS A 445 -9.57 16.17 1.52
CA CYS A 445 -10.71 15.30 1.84
C CYS A 445 -11.70 15.26 0.69
N ARG A 446 -11.37 14.51 -0.35
CA ARG A 446 -12.21 14.45 -1.54
C ARG A 446 -12.78 13.03 -1.72
N PRO A 447 -14.03 12.91 -2.22
CA PRO A 447 -14.99 13.97 -2.51
C PRO A 447 -15.67 14.48 -1.24
N TYR A 448 -16.00 15.78 -1.27
CA TYR A 448 -16.63 16.47 -0.14
C TYR A 448 -17.57 17.53 -0.70
N TRP A 449 -18.75 17.64 -0.10
CA TRP A 449 -19.74 18.61 -0.57
C TRP A 449 -20.57 19.17 0.59
N GLU A 450 -21.00 20.42 0.43
CA GLU A 450 -21.76 21.12 1.46
C GLU A 450 -23.24 20.79 1.41
N LYS A 451 -23.94 21.02 2.52
CA LYS A 451 -25.38 20.72 2.64
C LYS A 451 -26.23 21.36 1.53
N ASP A 452 -25.79 22.51 1.03
CA ASP A 452 -26.56 23.26 0.03
C ASP A 452 -26.18 22.90 -1.41
N ASP A 453 -25.40 21.83 -1.56
CA ASP A 453 -24.87 21.49 -2.87
C ASP A 453 -25.92 20.82 -3.75
N ALA A 454 -26.40 21.56 -4.76
CA ALA A 454 -27.42 21.07 -5.67
C ALA A 454 -26.97 19.89 -6.52
N SER A 455 -25.66 19.79 -6.78
CA SER A 455 -25.10 18.73 -7.62
C SER A 455 -25.16 17.32 -7.02
N MET A 456 -25.15 17.23 -5.70
CA MET A 456 -25.13 15.94 -5.02
C MET A 456 -26.50 15.58 -4.49
N PRO A 457 -27.03 14.43 -4.93
CA PRO A 457 -28.35 13.94 -4.49
C PRO A 457 -28.43 13.59 -3.01
N LEU A 458 -27.29 13.50 -2.33
CA LEU A 458 -27.31 13.09 -0.92
C LEU A 458 -26.33 13.88 -0.07
N PRO A 459 -26.62 14.01 1.24
CA PRO A 459 -25.68 14.69 2.12
C PRO A 459 -24.47 13.82 2.39
N PHE A 460 -23.33 14.48 2.61
CA PHE A 460 -22.13 13.84 3.11
C PHE A 460 -22.37 13.15 4.47
N ASP A 461 -23.08 13.84 5.35
CA ASP A 461 -23.38 13.30 6.68
C ASP A 461 -24.67 12.48 6.58
N LEU A 462 -24.60 11.18 6.84
CA LEU A 462 -25.75 10.30 6.61
C LEU A 462 -26.46 9.95 7.92
N THR A 463 -26.08 10.63 9.00
CA THR A 463 -26.54 10.29 10.35
C THR A 463 -28.07 10.22 10.47
N ASP A 464 -28.77 11.20 9.90
CA ASP A 464 -30.23 11.22 9.98
C ASP A 464 -30.82 10.09 9.16
N ILE A 465 -30.30 9.96 7.93
CA ILE A 465 -30.69 8.88 7.05
C ILE A 465 -30.53 7.52 7.72
N VAL A 466 -29.35 7.28 8.28
CA VAL A 466 -29.08 6.03 8.99
C VAL A 466 -29.98 5.81 10.22
N SER A 467 -30.18 6.88 11.00
CA SER A 467 -31.07 6.85 12.18
C SER A 467 -32.44 6.32 11.80
N GLU A 468 -33.00 6.96 10.78
CA GLU A 468 -34.33 6.65 10.33
C GLU A 468 -34.51 5.21 9.88
N LEU A 469 -33.61 4.74 9.01
CA LEU A 469 -33.72 3.38 8.48
C LEU A 469 -33.70 2.35 9.61
N ARG A 470 -32.76 2.54 10.53
CA ARG A 470 -32.69 1.75 11.76
C ARG A 470 -34.03 1.79 12.51
N GLY A 471 -34.62 2.98 12.62
CA GLY A 471 -35.90 3.14 13.28
C GLY A 471 -37.00 2.28 12.67
N GLN A 472 -37.14 2.36 11.35
CA GLN A 472 -38.22 1.65 10.67
C GLN A 472 -38.10 0.15 10.86
N LEU A 473 -36.87 -0.35 10.89
CA LEU A 473 -36.62 -1.78 11.03
C LEU A 473 -37.07 -2.26 12.40
N LEU A 474 -37.05 -1.36 13.38
CA LEU A 474 -37.64 -1.62 14.69
C LEU A 474 -38.98 -0.85 14.85
N GLU A 475 -40.03 -1.42 14.27
CA GLU A 475 -41.34 -0.79 14.30
C GLU A 475 -42.40 -1.74 14.84
N ALA A 476 -42.03 -3.01 14.94
CA ALA A 476 -42.87 -4.07 15.55
C ALA A 476 -44.37 -4.02 15.20
#